data_3WDC
#
_entry.id   3WDC
#
_cell.length_a   33.880
_cell.length_b   58.690
_cell.length_c   63.620
_cell.angle_alpha   90.00
_cell.angle_beta   90.00
_cell.angle_gamma   90.00
#
_symmetry.space_group_name_H-M   'P 21 21 21'
#
loop_
_entity.id
_entity.type
_entity.pdbx_description
1 polymer 'Probable ATP-dependent Clp protease ATP-binding subunit'
2 polymer 'Cyclomarin A'
3 non-polymer 'ACETATE ION'
4 water water
#
loop_
_entity_poly.entity_id
_entity_poly.type
_entity_poly.pdbx_seq_one_letter_code
_entity_poly.pdbx_strand_id
1 'polypeptide(L)'
;MFERFTDRARRVVVLAQEEARMLNHNYIGTEHILLGLIHEGEGVAAKSLESLGISLEGVRSQVEEIIGQGQQAPSGHIPF
TPRAKKVLELSLREALQLGHNYIGTEHILLGLIREGEGVAAQVLVKLGAELTRVRQQVIQLLSGYLEHHHHHH
;
A
2 'polypeptide(L)' (WRP)(WLU)A(WPA)V(MLE)(WVL) B
#
loop_
_chem_comp.id
_chem_comp.type
_chem_comp.name
_chem_comp.formula
ACT non-polymer 'ACETATE ION' 'C2 H3 O2 -1'
#
# COMPACT_ATOMS: atom_id res chain seq x y z
N MET A 1 9.54 12.36 6.96
CA MET A 1 8.39 12.70 6.13
CA MET A 1 8.37 12.64 6.08
C MET A 1 7.08 12.02 6.57
N PHE A 2 7.15 11.04 7.51
CA PHE A 2 5.88 10.44 7.98
C PHE A 2 4.97 11.47 8.64
N GLU A 3 5.53 12.56 9.13
CA GLU A 3 4.67 13.57 9.72
C GLU A 3 3.73 14.22 8.70
N ARG A 4 4.01 14.10 7.40
CA ARG A 4 3.11 14.65 6.40
CA ARG A 4 3.21 14.59 6.28
C ARG A 4 2.06 13.65 5.97
N PHE A 5 2.10 12.40 6.50
CA PHE A 5 1.06 11.44 6.20
C PHE A 5 -0.20 11.77 6.97
N THR A 6 -1.35 11.61 6.33
CA THR A 6 -2.63 11.74 7.03
C THR A 6 -2.73 10.70 8.12
N ASP A 7 -3.66 10.89 9.04
CA ASP A 7 -3.91 9.89 10.07
CA ASP A 7 -3.81 9.91 10.09
C ASP A 7 -4.15 8.52 9.49
N ARG A 8 -5.02 8.44 8.47
CA ARG A 8 -5.33 7.16 7.90
CA ARG A 8 -5.39 7.20 7.79
C ARG A 8 -4.15 6.57 7.16
N ALA A 9 -3.35 7.40 6.48
CA ALA A 9 -2.15 6.86 5.80
C ALA A 9 -1.15 6.32 6.84
N ARG A 10 -1.00 6.98 7.99
CA ARG A 10 -0.14 6.45 9.05
CA ARG A 10 -0.17 6.49 9.07
C ARG A 10 -0.71 5.14 9.56
N ARG A 11 -2.02 5.06 9.74
CA ARG A 11 -2.62 3.80 10.18
C ARG A 11 -2.33 2.67 9.18
N VAL A 12 -2.35 2.96 7.88
CA VAL A 12 -1.99 2.00 6.77
CA VAL A 12 -2.06 1.93 6.94
C VAL A 12 -0.60 1.41 7.03
N VAL A 13 0.35 2.32 7.22
CA VAL A 13 1.74 1.90 7.38
C VAL A 13 1.91 1.06 8.68
N VAL A 14 1.30 1.52 9.78
CA VAL A 14 1.32 0.76 11.01
CA VAL A 14 1.24 0.78 11.05
C VAL A 14 0.67 -0.61 10.81
N LEU A 15 -0.45 -0.67 10.12
CA LEU A 15 -1.08 -1.94 9.89
CA LEU A 15 -1.16 -1.92 9.73
C LEU A 15 -0.23 -2.84 8.96
N ALA A 16 0.44 -2.27 7.94
CA ALA A 16 1.31 -3.05 7.07
C ALA A 16 2.34 -3.83 7.89
N GLN A 17 2.91 -3.23 8.91
CA GLN A 17 3.86 -3.97 9.73
C GLN A 17 3.22 -5.19 10.34
N GLU A 18 2.01 -5.05 10.86
CA GLU A 18 1.32 -6.19 11.45
C GLU A 18 0.85 -7.19 10.45
N GLU A 19 0.52 -6.76 9.24
CA GLU A 19 0.25 -7.71 8.16
CA GLU A 19 0.21 -7.74 8.21
C GLU A 19 1.44 -8.63 7.95
N ALA A 20 2.64 -8.04 7.97
CA ALA A 20 3.87 -8.86 7.84
C ALA A 20 4.03 -9.75 9.08
N ARG A 21 3.88 -9.17 10.27
CA ARG A 21 4.15 -9.93 11.51
C ARG A 21 3.25 -11.17 11.59
N MET A 22 1.98 -10.98 11.26
CA MET A 22 1.02 -12.10 11.38
CA MET A 22 0.92 -12.02 11.26
C MET A 22 1.18 -13.17 10.29
N LEU A 23 1.94 -12.91 9.27
CA LEU A 23 2.36 -13.89 8.27
C LEU A 23 3.72 -14.47 8.55
N ASN A 24 4.28 -14.14 9.71
CA ASN A 24 5.62 -14.62 10.05
CA ASN A 24 5.62 -14.63 10.06
C ASN A 24 6.67 -14.14 9.05
N HIS A 25 6.49 -12.91 8.59
CA HIS A 25 7.42 -12.23 7.72
C HIS A 25 8.33 -11.31 8.47
N ASN A 26 9.52 -11.09 7.92
CA ASN A 26 10.56 -10.35 8.58
CA ASN A 26 10.53 -10.30 8.62
C ASN A 26 10.96 -9.07 7.89
N TYR A 27 10.22 -8.71 6.85
CA TYR A 27 10.35 -7.41 6.21
C TYR A 27 8.95 -6.92 5.93
N ILE A 28 8.79 -5.59 5.84
CA ILE A 28 7.53 -4.97 5.37
C ILE A 28 7.74 -4.70 3.90
N GLY A 29 7.13 -5.49 3.07
CA GLY A 29 7.25 -5.32 1.63
C GLY A 29 6.09 -4.58 1.03
N THR A 30 6.19 -4.32 -0.27
CA THR A 30 5.11 -3.66 -0.96
C THR A 30 3.77 -4.37 -0.80
N GLU A 31 3.81 -5.72 -0.75
CA GLU A 31 2.59 -6.48 -0.60
C GLU A 31 1.93 -6.24 0.74
N HIS A 32 2.69 -5.92 1.79
CA HIS A 32 2.11 -5.63 3.08
C HIS A 32 1.47 -4.25 3.08
N ILE A 33 2.09 -3.31 2.34
CA ILE A 33 1.45 -2.03 2.11
C ILE A 33 0.10 -2.23 1.40
N LEU A 34 0.09 -3.07 0.36
CA LEU A 34 -1.18 -3.37 -0.33
C LEU A 34 -2.22 -3.96 0.61
N LEU A 35 -1.82 -4.97 1.39
CA LEU A 35 -2.74 -5.56 2.37
C LEU A 35 -3.26 -4.46 3.32
N GLY A 36 -2.36 -3.62 3.84
CA GLY A 36 -2.80 -2.60 4.77
C GLY A 36 -3.75 -1.60 4.16
N LEU A 37 -3.51 -1.20 2.90
CA LEU A 37 -4.41 -0.25 2.24
C LEU A 37 -5.81 -0.80 2.15
N ILE A 38 -5.94 -2.07 1.83
CA ILE A 38 -7.24 -2.70 1.73
C ILE A 38 -7.85 -2.92 3.10
N HIS A 39 -7.06 -3.49 3.99
CA HIS A 39 -7.57 -3.89 5.31
C HIS A 39 -8.04 -2.71 6.12
N GLU A 40 -7.36 -1.56 6.01
CA GLU A 40 -7.81 -0.39 6.76
CA GLU A 40 -7.84 -0.42 6.79
C GLU A 40 -9.21 0.05 6.32
N GLY A 41 -9.54 -0.14 5.03
CA GLY A 41 -10.96 -0.06 4.61
C GLY A 41 -11.86 1.14 4.50
N GLU A 42 -11.30 2.33 4.44
CA GLU A 42 -12.11 3.61 4.39
C GLU A 42 -11.76 4.75 3.39
N GLY A 43 -10.50 4.81 3.12
CA GLY A 43 -9.90 5.85 2.30
C GLY A 43 -10.06 5.60 0.82
N VAL A 44 -9.52 6.53 0.05
CA VAL A 44 -9.65 6.45 -1.40
C VAL A 44 -8.88 5.27 -1.97
N ALA A 45 -7.77 4.88 -1.37
CA ALA A 45 -7.07 3.68 -1.84
C ALA A 45 -7.93 2.43 -1.71
N ALA A 46 -8.49 2.23 -0.53
CA ALA A 46 -9.35 1.08 -0.31
C ALA A 46 -10.55 1.10 -1.25
N LYS A 47 -11.16 2.27 -1.45
CA LYS A 47 -12.31 2.39 -2.33
CA LYS A 47 -12.32 2.35 -2.33
C LYS A 47 -11.90 2.05 -3.76
N SER A 48 -10.73 2.53 -4.17
CA SER A 48 -10.28 2.31 -5.54
CA SER A 48 -10.28 2.29 -5.53
C SER A 48 -10.04 0.80 -5.79
N LEU A 49 -9.39 0.13 -4.84
CA LEU A 49 -9.12 -1.28 -4.98
C LEU A 49 -10.42 -2.11 -4.96
N GLU A 50 -11.32 -1.79 -4.02
CA GLU A 50 -12.60 -2.48 -3.97
CA GLU A 50 -12.61 -2.49 -3.97
C GLU A 50 -13.35 -2.31 -5.30
N SER A 51 -13.33 -1.09 -5.83
CA SER A 51 -14.02 -0.76 -7.05
CA SER A 51 -14.02 -0.80 -7.08
C SER A 51 -13.45 -1.42 -8.30
N LEU A 52 -12.26 -2.01 -8.20
CA LEU A 52 -11.65 -2.81 -9.27
C LEU A 52 -11.74 -4.30 -8.99
N GLY A 53 -12.42 -4.71 -7.90
CA GLY A 53 -12.55 -6.14 -7.60
C GLY A 53 -11.31 -6.75 -7.02
N ILE A 54 -10.44 -5.96 -6.41
CA ILE A 54 -9.26 -6.46 -5.74
C ILE A 54 -9.58 -6.59 -4.25
N SER A 55 -9.75 -7.83 -3.79
CA SER A 55 -10.17 -8.04 -2.39
C SER A 55 -9.02 -8.44 -1.52
N LEU A 56 -9.24 -8.29 -0.24
CA LEU A 56 -8.26 -8.68 0.72
C LEU A 56 -7.93 -10.18 0.57
N GLU A 57 -8.96 -11.00 0.31
CA GLU A 57 -8.73 -12.43 0.17
C GLU A 57 -7.91 -12.77 -1.09
N GLY A 58 -8.20 -12.07 -2.20
CA GLY A 58 -7.42 -12.30 -3.41
C GLY A 58 -5.96 -11.96 -3.21
N VAL A 59 -5.69 -10.85 -2.52
CA VAL A 59 -4.33 -10.48 -2.27
C VAL A 59 -3.67 -11.47 -1.30
N ARG A 60 -4.36 -11.85 -0.22
CA ARG A 60 -3.80 -12.82 0.73
CA ARG A 60 -3.83 -12.85 0.72
C ARG A 60 -3.41 -14.12 -0.01
N SER A 61 -4.32 -14.63 -0.85
CA SER A 61 -4.00 -15.89 -1.54
C SER A 61 -2.76 -15.77 -2.41
N GLN A 62 -2.62 -14.65 -3.14
CA GLN A 62 -1.44 -14.46 -3.97
C GLN A 62 -0.18 -14.29 -3.15
N VAL A 63 -0.26 -13.60 -2.00
CA VAL A 63 0.92 -13.49 -1.16
C VAL A 63 1.37 -14.87 -0.62
N GLU A 64 0.43 -15.72 -0.25
CA GLU A 64 0.75 -17.08 0.21
CA GLU A 64 0.78 -17.06 0.22
CA GLU A 64 0.86 -17.00 0.22
C GLU A 64 1.40 -17.87 -0.92
N GLU A 65 0.90 -17.68 -2.15
CA GLU A 65 1.37 -18.41 -3.31
C GLU A 65 2.81 -17.99 -3.70
N ILE A 66 3.08 -16.68 -3.63
CA ILE A 66 4.32 -16.07 -4.14
C ILE A 66 5.41 -16.08 -3.08
N ILE A 67 5.05 -15.75 -1.82
CA ILE A 67 6.00 -15.49 -0.72
CA ILE A 67 6.03 -15.54 -0.74
C ILE A 67 6.04 -16.63 0.29
N GLY A 68 4.87 -16.99 0.82
CA GLY A 68 4.80 -18.00 1.90
C GLY A 68 5.24 -17.43 3.26
N GLN A 69 4.76 -18.06 4.31
CA GLN A 69 5.07 -17.63 5.69
C GLN A 69 6.36 -18.24 6.31
N GLY A 70 6.98 -17.53 7.23
CA GLY A 70 8.01 -18.09 8.00
C GLY A 70 7.42 -19.00 9.04
N GLN A 71 8.34 -19.45 9.86
CA GLN A 71 8.08 -20.42 10.90
CA GLN A 71 7.96 -20.39 10.85
C GLN A 71 7.60 -19.73 12.16
N GLN A 72 8.09 -18.53 12.41
CA GLN A 72 7.66 -17.84 13.61
C GLN A 72 7.50 -16.34 13.40
N ALA A 73 6.56 -15.76 14.16
CA ALA A 73 6.20 -14.36 14.06
C ALA A 73 7.25 -13.57 14.83
N PRO A 74 7.89 -12.57 14.20
CA PRO A 74 8.91 -11.79 14.91
C PRO A 74 8.36 -10.77 15.92
N SER A 75 9.16 -10.41 16.93
CA SER A 75 8.77 -9.36 17.84
CA SER A 75 8.81 -9.37 17.88
C SER A 75 9.55 -8.10 17.43
N GLY A 76 9.13 -6.93 17.86
CA GLY A 76 9.97 -5.74 17.52
C GLY A 76 9.83 -5.20 16.10
N HIS A 77 10.70 -4.27 15.73
CA HIS A 77 10.50 -3.56 14.48
CA HIS A 77 10.50 -3.52 14.48
C HIS A 77 10.90 -4.32 13.25
N ILE A 78 10.00 -4.39 12.30
CA ILE A 78 10.20 -5.11 11.06
C ILE A 78 10.63 -4.05 10.00
N PRO A 79 11.77 -4.23 9.34
CA PRO A 79 12.24 -3.19 8.40
C PRO A 79 11.51 -3.21 7.06
N PHE A 80 11.34 -2.02 6.47
CA PHE A 80 10.87 -1.95 5.10
C PHE A 80 11.88 -2.60 4.15
N THR A 81 11.38 -3.27 3.12
CA THR A 81 12.19 -3.69 1.99
C THR A 81 12.66 -2.48 1.18
N PRO A 82 13.70 -2.67 0.32
CA PRO A 82 14.07 -1.62 -0.61
C PRO A 82 12.91 -1.12 -1.44
N ARG A 83 12.07 -2.02 -1.95
CA ARG A 83 10.97 -1.56 -2.81
C ARG A 83 9.88 -0.87 -2.00
N ALA A 84 9.63 -1.31 -0.77
CA ALA A 84 8.66 -0.59 0.09
C ALA A 84 9.16 0.81 0.39
N LYS A 85 10.45 0.96 0.65
CA LYS A 85 11.03 2.30 0.84
C LYS A 85 10.74 3.15 -0.38
N LYS A 86 10.97 2.62 -1.57
CA LYS A 86 10.77 3.37 -2.81
CA LYS A 86 10.79 3.41 -2.78
C LYS A 86 9.32 3.80 -2.93
N VAL A 87 8.38 2.89 -2.66
CA VAL A 87 6.97 3.24 -2.70
C VAL A 87 6.67 4.43 -1.79
N LEU A 88 7.16 4.40 -0.56
CA LEU A 88 6.84 5.48 0.39
C LEU A 88 7.52 6.78 -0.04
N GLU A 89 8.73 6.72 -0.61
CA GLU A 89 9.30 7.95 -1.13
CA GLU A 89 9.33 7.94 -1.19
C GLU A 89 8.49 8.50 -2.31
N LEU A 90 8.04 7.62 -3.23
CA LEU A 90 7.28 8.05 -4.38
C LEU A 90 5.97 8.66 -3.98
N SER A 91 5.37 8.17 -2.89
CA SER A 91 4.08 8.67 -2.43
CA SER A 91 4.08 8.66 -2.44
C SER A 91 4.10 10.17 -2.19
N LEU A 92 5.22 10.71 -1.72
CA LEU A 92 5.33 12.12 -1.48
C LEU A 92 5.10 12.91 -2.75
N ARG A 93 5.69 12.46 -3.85
CA ARG A 93 5.58 13.20 -5.08
CA ARG A 93 5.62 13.10 -5.15
CA ARG A 93 5.59 13.17 -5.12
C ARG A 93 4.22 13.00 -5.75
N GLU A 94 3.58 11.83 -5.57
CA GLU A 94 2.22 11.65 -6.07
C GLU A 94 1.32 12.69 -5.41
N ALA A 95 1.45 12.85 -4.10
CA ALA A 95 0.62 13.80 -3.36
C ALA A 95 0.85 15.21 -3.85
N LEU A 96 2.10 15.64 -3.93
CA LEU A 96 2.35 17.02 -4.34
C LEU A 96 1.81 17.30 -5.73
N GLN A 97 2.00 16.38 -6.67
CA GLN A 97 1.52 16.59 -8.04
CA GLN A 97 1.54 16.62 -8.03
C GLN A 97 0.02 16.63 -8.16
N LEU A 98 -0.67 15.98 -7.25
CA LEU A 98 -2.16 16.02 -7.26
C LEU A 98 -2.70 17.18 -6.47
N GLY A 99 -1.82 18.02 -5.94
CA GLY A 99 -2.27 19.25 -5.26
C GLY A 99 -2.52 19.09 -3.75
N HIS A 100 -1.89 18.05 -3.14
CA HIS A 100 -1.99 17.81 -1.70
CA HIS A 100 -2.04 17.76 -1.73
C HIS A 100 -0.74 17.99 -0.96
N ASN A 101 -0.84 18.65 0.20
CA ASN A 101 0.32 18.83 1.07
C ASN A 101 0.50 17.73 2.14
N TYR A 102 -0.51 16.88 2.24
CA TYR A 102 -0.42 15.69 3.06
C TYR A 102 -0.50 14.47 2.17
N ILE A 103 0.08 13.37 2.63
CA ILE A 103 0.11 12.13 1.92
CA ILE A 103 0.10 12.11 1.91
C ILE A 103 -1.04 11.28 2.42
N GLY A 104 -2.03 11.04 1.57
CA GLY A 104 -3.17 10.23 1.93
C GLY A 104 -3.01 8.80 1.43
N THR A 105 -3.98 7.94 1.78
CA THR A 105 -3.93 6.55 1.35
C THR A 105 -3.80 6.44 -0.14
N GLU A 106 -4.54 7.28 -0.89
CA GLU A 106 -4.47 7.17 -2.36
C GLU A 106 -3.08 7.42 -2.87
N HIS A 107 -2.31 8.27 -2.19
CA HIS A 107 -0.95 8.58 -2.67
C HIS A 107 0.00 7.43 -2.40
N ILE A 108 -0.22 6.67 -1.32
CA ILE A 108 0.53 5.45 -1.09
C ILE A 108 0.22 4.47 -2.20
N LEU A 109 -1.09 4.26 -2.51
CA LEU A 109 -1.43 3.39 -3.62
C LEU A 109 -0.78 3.82 -4.92
N LEU A 110 -0.85 5.13 -5.21
CA LEU A 110 -0.22 5.63 -6.43
C LEU A 110 1.30 5.42 -6.42
N GLY A 111 1.94 5.55 -5.25
CA GLY A 111 3.38 5.26 -5.13
C GLY A 111 3.68 3.80 -5.43
N LEU A 112 2.79 2.92 -4.98
CA LEU A 112 2.97 1.52 -5.18
CA LEU A 112 2.87 1.44 -5.20
C LEU A 112 2.89 1.14 -6.68
N ILE A 113 1.93 1.75 -7.39
CA ILE A 113 1.87 1.38 -8.78
CA ILE A 113 1.74 1.57 -8.85
C ILE A 113 2.95 2.13 -9.58
N ARG A 114 3.41 3.30 -9.11
CA ARG A 114 4.53 4.00 -9.75
C ARG A 114 5.81 3.13 -9.66
N GLU A 115 6.08 2.58 -8.49
CA GLU A 115 7.23 1.69 -8.33
C GLU A 115 7.09 0.52 -9.32
N GLY A 116 5.90 -0.09 -9.34
CA GLY A 116 5.47 -0.93 -10.46
C GLY A 116 6.14 -2.26 -10.64
N GLU A 117 6.98 -2.72 -9.71
CA GLU A 117 7.83 -3.87 -9.99
C GLU A 117 7.85 -4.91 -8.89
N GLY A 118 7.54 -4.56 -7.66
CA GLY A 118 7.65 -5.47 -6.54
C GLY A 118 6.48 -6.42 -6.43
N VAL A 119 6.38 -7.06 -5.25
CA VAL A 119 5.43 -8.12 -5.05
C VAL A 119 3.99 -7.61 -5.19
N ALA A 120 3.69 -6.46 -4.60
CA ALA A 120 2.34 -5.90 -4.76
C ALA A 120 1.95 -5.70 -6.22
N ALA A 121 2.82 -5.13 -7.04
CA ALA A 121 2.53 -4.92 -8.44
C ALA A 121 2.28 -6.24 -9.13
N GLN A 122 3.09 -7.25 -8.82
CA GLN A 122 2.91 -8.56 -9.40
C GLN A 122 1.53 -9.13 -9.04
N VAL A 123 1.14 -8.98 -7.77
CA VAL A 123 -0.15 -9.46 -7.31
C VAL A 123 -1.28 -8.73 -8.03
N LEU A 124 -1.20 -7.39 -8.15
CA LEU A 124 -2.29 -6.65 -8.81
C LEU A 124 -2.47 -7.10 -10.23
N VAL A 125 -1.39 -7.28 -10.96
CA VAL A 125 -1.47 -7.70 -12.35
CA VAL A 125 -1.53 -7.68 -12.34
C VAL A 125 -2.08 -9.11 -12.40
N LYS A 126 -1.65 -10.02 -11.52
CA LYS A 126 -2.16 -11.38 -11.48
CA LYS A 126 -2.18 -11.38 -11.49
C LYS A 126 -3.68 -11.43 -11.21
N LEU A 127 -4.16 -10.54 -10.37
CA LEU A 127 -5.56 -10.42 -10.05
C LEU A 127 -6.37 -9.60 -11.11
N GLY A 128 -5.72 -9.17 -12.20
CA GLY A 128 -6.40 -8.49 -13.29
C GLY A 128 -6.47 -6.97 -13.25
N ALA A 129 -5.69 -6.35 -12.35
CA ALA A 129 -5.68 -4.91 -12.23
C ALA A 129 -4.35 -4.40 -12.72
N GLU A 130 -4.34 -4.13 -14.02
CA GLU A 130 -3.25 -3.53 -14.76
CA GLU A 130 -3.13 -3.57 -14.65
C GLU A 130 -2.90 -2.18 -14.10
N LEU A 131 -1.61 -1.81 -14.04
CA LEU A 131 -1.28 -0.63 -13.27
CA LEU A 131 -1.14 -0.60 -13.35
C LEU A 131 -1.84 0.66 -13.82
N THR A 132 -1.90 0.84 -15.13
CA THR A 132 -2.52 2.08 -15.67
C THR A 132 -4.01 2.12 -15.29
N ARG A 133 -4.70 0.97 -15.33
CA ARG A 133 -6.10 0.93 -14.96
C ARG A 133 -6.26 1.33 -13.49
N VAL A 134 -5.38 0.87 -12.60
CA VAL A 134 -5.49 1.28 -11.21
C VAL A 134 -5.32 2.77 -11.06
N ARG A 135 -4.31 3.33 -11.68
CA ARG A 135 -4.08 4.76 -11.59
CA ARG A 135 -4.08 4.77 -11.55
C ARG A 135 -5.28 5.55 -12.09
N GLN A 136 -5.83 5.15 -13.24
CA GLN A 136 -6.94 5.87 -13.79
C GLN A 136 -8.14 5.76 -12.89
N GLN A 137 -8.33 4.63 -12.23
CA GLN A 137 -9.44 4.48 -11.29
CA GLN A 137 -9.44 4.47 -11.27
C GLN A 137 -9.30 5.47 -10.13
N VAL A 138 -8.09 5.59 -9.58
CA VAL A 138 -7.88 6.58 -8.50
C VAL A 138 -8.23 7.97 -8.99
N ILE A 139 -7.73 8.33 -10.17
CA ILE A 139 -8.06 9.66 -10.72
C ILE A 139 -9.56 9.80 -10.90
N GLN A 140 -10.24 8.76 -11.35
CA GLN A 140 -11.67 8.86 -11.59
C GLN A 140 -12.44 9.12 -10.28
N LEU A 141 -12.06 8.42 -9.21
CA LEU A 141 -12.75 8.62 -7.93
CA LEU A 141 -12.67 8.59 -7.91
C LEU A 141 -12.41 9.99 -7.38
N LEU A 142 -11.12 10.40 -7.45
CA LEU A 142 -10.76 11.74 -6.96
C LEU A 142 -11.55 12.83 -7.71
N SER A 143 -11.75 12.66 -9.01
CA SER A 143 -12.52 13.62 -9.77
CA SER A 143 -12.53 13.59 -9.80
C SER A 143 -13.95 13.69 -9.25
N GLY A 144 -14.52 12.58 -8.83
CA GLY A 144 -15.88 12.60 -8.30
C GLY A 144 -15.97 13.39 -7.00
N TYR A 145 -14.90 13.45 -6.22
CA TYR A 145 -14.90 14.26 -4.99
C TYR A 145 -14.80 15.76 -5.25
N LEU A 146 -14.42 16.17 -6.45
CA LEU A 146 -14.49 17.61 -6.81
C LEU A 146 -15.86 18.20 -7.02
N GLU A 147 -16.91 17.38 -7.10
CA GLU A 147 -18.31 17.83 -7.22
C GLU A 147 -18.77 18.75 -6.08
O WRP B 1 14.05 8.22 8.33
C WRP B 1 13.23 7.49 7.77
CA WRP B 1 11.75 7.74 8.05
CB WRP B 1 11.43 9.21 7.65
CG WRP B 1 11.52 9.39 6.16
CD1 WRP B 1 12.59 9.88 5.45
NE1 WRP B 1 12.26 9.91 4.12
C1 WRP B 1 13.17 10.44 3.06
C3 WRP B 1 14.55 10.72 3.65
C4 WRP B 1 12.56 11.73 2.50
C5 WRP B 1 12.52 12.89 3.49
O6 WRP B 1 13.34 12.19 1.39
C2 WRP B 1 13.36 9.41 1.96
CE2 WRP B 1 10.97 9.47 3.94
CZ2 WRP B 1 10.17 9.34 2.79
CH2 WRP B 1 8.87 8.86 2.95
CZ3 WRP B 1 8.35 8.56 4.20
CE3 WRP B 1 9.13 8.65 5.36
CD2 WRP B 1 10.46 9.13 5.24
OB WRP B 1 10.15 9.57 8.12
N WRP B 1 11.50 7.55 9.46
N WLU B 2 13.67 6.51 6.93
CN WLU B 2 15.11 6.43 6.68
CA WLU B 2 12.77 5.60 6.16
CB WLU B 2 12.76 6.05 4.71
CG WLU B 2 11.83 5.27 3.83
CG1 WLU B 2 11.97 5.72 2.38
O4 WLU B 2 13.33 5.47 2.00
CG2 WLU B 2 10.37 5.34 4.29
C WLU B 2 13.28 4.16 6.31
O WLU B 2 13.82 3.57 5.39
N ALA B 3 13.08 3.62 7.48
CA ALA B 3 13.55 2.25 7.74
C ALA B 3 12.56 1.41 8.50
N WPA B 4 11.79 2.00 9.43
CA WPA B 4 10.90 1.25 10.29
C WPA B 4 9.62 2.07 10.45
CB WPA B 4 11.50 0.94 11.66
OB WPA B 4 11.58 2.20 12.33
CB1 WPA B 4 11.58 2.06 13.75
CG WPA B 4 12.79 0.19 11.56
CD1 WPA B 4 12.77 -1.21 11.44
CE1 WPA B 4 13.97 -1.95 11.41
CZ WPA B 4 15.15 -1.27 11.45
CE2 WPA B 4 15.21 0.09 11.55
CD2 WPA B 4 14.00 0.83 11.65
O WPA B 4 9.56 3.24 10.09
N VAL B 5 8.65 1.48 11.13
CA VAL B 5 7.44 2.19 11.55
C VAL B 5 7.73 2.86 12.89
N MLE B 6 7.77 4.20 13.06
CN MLE B 6 7.99 4.70 14.43
CA MLE B 6 7.62 5.22 11.99
CB MLE B 6 6.38 6.10 12.14
CG MLE B 6 5.06 5.43 11.79
CD1 MLE B 6 3.94 6.38 12.20
CD2 MLE B 6 4.95 5.09 10.31
C MLE B 6 8.85 6.12 12.03
O MLE B 6 8.79 7.31 12.38
C WVL B 7 11.55 6.35 10.05
CA WVL B 7 11.23 6.32 11.52
O WVL B 7 11.80 5.33 9.39
CB WVL B 7 12.39 5.73 12.31
CG2 WVL B 7 12.11 5.70 13.81
CG1 WVL B 7 13.61 6.56 12.06
CD WVL B 7 14.69 6.23 11.36
CE1 WVL B 7 15.82 7.23 11.18
CE2 WVL B 7 14.91 4.90 10.68
N WVL B 7 9.99 5.58 11.66
C ACT C . 8.72 -5.92 -2.23
O ACT C . 8.69 -5.11 -1.24
OXT ACT C . 7.87 -5.92 -3.13
CH3 ACT C . 9.88 -6.86 -2.30
#